data_6DHX
#
_entry.id   6DHX
#
_cell.length_a   159.740
_cell.length_b   54.520
_cell.length_c   104.430
_cell.angle_alpha   90.00
_cell.angle_beta   108.05
_cell.angle_gamma   90.00
#
_symmetry.space_group_name_H-M   'C 1 2 1'
#
loop_
_entity.id
_entity.type
_entity.pdbx_description
1 polymer TipC2
2 non-polymer 'SULFATE ION'
3 water water
#
_entity_poly.entity_id   1
_entity_poly.type   'polypeptide(L)'
_entity_poly.pdbx_seq_one_letter_code
;(MSE)GSSHHHHHHSQDP(MSE)NQPKNIFDEIYQETEKTYRLNNIFNKLTDVEVHSYQEYSDDSKFYPSILYKDIAKTG
NYTKIAIDFSFLNKNNNILIYFEKEIGPNVRVRIWNKYTRQDRTLTKSVKIALEKGDSDKYIEDETQVRAYLKKYGITAK
DLDAHYEKIVNQKVLKDWCSIYKSKYSPKDYGQVTVK(MSE)QWEKW
;
_entity_poly.pdbx_strand_id   A,B,C
#
# COMPACT_ATOMS: atom_id res chain seq x y z
N PRO A 14 2.79 -3.62 14.00
CA PRO A 14 1.89 -3.17 15.07
C PRO A 14 2.23 -1.76 15.53
N ASN A 16 4.09 0.40 13.95
CA ASN A 16 4.21 1.31 12.82
C ASN A 16 3.37 0.82 11.65
N GLN A 17 2.12 0.51 11.95
CA GLN A 17 1.16 0.24 10.89
C GLN A 17 0.98 1.47 9.99
N PRO A 18 0.64 1.26 8.71
CA PRO A 18 0.33 2.38 7.83
C PRO A 18 -0.80 3.25 8.38
N LYS A 19 -0.64 4.57 8.21
CA LYS A 19 -1.64 5.53 8.64
C LYS A 19 -2.48 6.05 7.47
N ASN A 20 -2.08 5.76 6.26
CA ASN A 20 -2.77 6.16 5.05
C ASN A 20 -2.36 5.24 3.90
N ILE A 21 -3.00 5.44 2.75
CA ILE A 21 -2.81 4.52 1.64
C ILE A 21 -1.40 4.60 1.09
N PHE A 22 -0.74 5.76 1.21
CA PHE A 22 0.62 5.89 0.69
C PHE A 22 1.61 5.16 1.59
N ASP A 23 1.43 5.24 2.92
CA ASP A 23 2.21 4.38 3.82
C ASP A 23 2.03 2.92 3.44
N GLU A 24 0.80 2.52 3.14
CA GLU A 24 0.55 1.11 2.85
C GLU A 24 1.33 0.67 1.61
N ILE A 25 1.28 1.47 0.55
CA ILE A 25 2.07 1.17 -0.65
C ILE A 25 3.57 1.17 -0.35
N TYR A 26 4.04 2.18 0.37
CA TYR A 26 5.47 2.27 0.68
C TYR A 26 5.91 1.05 1.48
N GLN A 27 5.17 0.74 2.55
CA GLN A 27 5.62 -0.33 3.46
C GLN A 27 5.50 -1.69 2.80
N GLU A 28 4.43 -1.94 2.06
CA GLU A 28 4.33 -3.27 1.46
C GLU A 28 5.36 -3.42 0.35
N THR A 29 5.66 -2.32 -0.37
CA THR A 29 6.71 -2.42 -1.39
C THR A 29 8.07 -2.61 -0.76
N GLU A 30 8.37 -1.89 0.34
CA GLU A 30 9.67 -2.09 0.96
C GLU A 30 9.81 -3.50 1.54
N LYS A 31 8.70 -4.07 2.01
CA LYS A 31 8.71 -5.41 2.56
C LYS A 31 8.98 -6.47 1.49
N THR A 32 8.49 -6.25 0.27
CA THR A 32 8.46 -7.28 -0.76
C THR A 32 9.44 -7.08 -1.92
N TYR A 33 10.01 -5.90 -2.06
CA TYR A 33 10.68 -5.66 -3.35
C TYR A 33 11.95 -6.45 -3.55
N ARG A 34 12.56 -7.01 -2.48
CA ARG A 34 13.74 -7.82 -2.67
C ARG A 34 13.43 -9.31 -2.74
N LEU A 35 12.23 -9.70 -2.38
CA LEU A 35 11.81 -11.07 -2.32
C LEU A 35 10.89 -11.45 -3.47
N ASN A 36 9.81 -10.71 -3.64
CA ASN A 36 8.80 -10.92 -4.69
C ASN A 36 7.90 -9.70 -4.66
N ASN A 37 8.29 -8.69 -5.44
CA ASN A 37 7.64 -7.37 -5.40
C ASN A 37 6.13 -7.51 -5.53
N ILE A 38 5.40 -6.85 -4.61
CA ILE A 38 3.95 -6.86 -4.67
C ILE A 38 3.44 -6.45 -6.07
N PHE A 39 4.13 -5.55 -6.76
CA PHE A 39 3.65 -5.10 -8.06
C PHE A 39 3.84 -6.13 -9.16
N ASN A 40 4.58 -7.23 -8.89
CA ASN A 40 4.53 -8.35 -9.81
C ASN A 40 3.10 -8.84 -10.00
N LYS A 41 2.24 -8.59 -9.02
CA LYS A 41 0.83 -9.04 -9.06
C LYS A 41 -0.03 -8.17 -9.98
N LEU A 42 0.46 -7.01 -10.41
CA LEU A 42 -0.35 -6.03 -11.18
C LEU A 42 0.03 -6.18 -12.64
N THR A 43 -0.88 -6.72 -13.44
CA THR A 43 -0.50 -7.07 -14.80
C THR A 43 -0.30 -5.83 -15.68
N ASP A 44 -0.94 -4.69 -15.36
CA ASP A 44 -0.78 -3.50 -16.20
C ASP A 44 0.57 -2.81 -16.06
N VAL A 45 1.46 -3.25 -15.16
CA VAL A 45 2.71 -2.49 -15.01
C VAL A 45 3.91 -3.40 -15.22
N GLU A 46 5.04 -2.77 -15.55
CA GLU A 46 6.35 -3.40 -15.45
C GLU A 46 7.06 -2.98 -14.16
N VAL A 47 7.76 -3.90 -13.55
CA VAL A 47 8.61 -3.61 -12.39
C VAL A 47 10.02 -3.44 -12.92
N HIS A 48 10.69 -2.35 -12.48
CA HIS A 48 12.07 -2.09 -12.87
C HIS A 48 12.92 -1.98 -11.61
N SER A 49 14.22 -2.19 -11.77
CA SER A 49 15.17 -2.02 -10.69
C SER A 49 16.27 -1.11 -11.20
N TYR A 50 16.47 0.04 -10.54
CA TYR A 50 17.49 0.99 -10.95
C TYR A 50 18.52 1.23 -9.84
N GLN A 51 19.78 1.46 -10.25
CA GLN A 51 20.85 1.61 -9.28
C GLN A 51 20.59 2.76 -8.30
N GLU A 52 20.77 2.50 -7.00
CA GLU A 52 20.65 3.57 -6.02
C GLU A 52 21.84 4.50 -6.11
N TYR A 53 21.57 5.80 -6.11
CA TYR A 53 22.67 6.77 -6.12
C TYR A 53 23.55 6.67 -4.87
N SER A 54 22.99 6.35 -3.71
CA SER A 54 23.74 6.45 -2.45
C SER A 54 24.46 5.17 -2.07
N ASP A 55 24.15 4.05 -2.70
CA ASP A 55 24.75 2.76 -2.35
C ASP A 55 24.89 1.97 -3.64
N ASP A 56 26.13 1.84 -4.11
CA ASP A 56 26.37 1.17 -5.37
C ASP A 56 25.94 -0.28 -5.32
N SER A 57 25.71 -0.84 -4.13
CA SER A 57 25.35 -2.25 -4.01
C SER A 57 23.83 -2.51 -4.00
N LYS A 58 23.00 -1.48 -4.23
CA LYS A 58 21.57 -1.62 -4.09
C LYS A 58 20.81 -1.00 -5.27
N PHE A 59 19.62 -1.52 -5.51
CA PHE A 59 18.72 -1.05 -6.55
C PHE A 59 17.39 -0.67 -5.94
N TYR A 60 16.77 0.44 -6.49
CA TYR A 60 15.41 0.77 -5.99
C TYR A 60 14.38 0.35 -7.01
N PRO A 61 13.17 0.03 -6.54
CA PRO A 61 12.10 -0.39 -7.46
C PRO A 61 11.39 0.85 -8.05
N SER A 62 11.03 0.69 -9.31
CA SER A 62 10.30 1.71 -10.07
C SER A 62 9.26 0.98 -10.89
N ILE A 63 8.03 1.49 -10.89
CA ILE A 63 6.88 0.86 -11.53
C ILE A 63 6.54 1.71 -12.76
N LEU A 64 6.35 1.08 -13.90
CA LEU A 64 6.05 1.80 -15.13
C LEU A 64 4.82 1.17 -15.77
N TYR A 65 3.80 1.97 -16.04
CA TYR A 65 2.62 1.41 -16.71
C TYR A 65 2.96 1.03 -18.14
N LYS A 66 2.50 -0.17 -18.54
CA LYS A 66 2.68 -0.67 -19.90
C LYS A 66 1.86 0.14 -20.89
N ASP A 67 2.35 0.20 -22.12
CA ASP A 67 1.65 0.96 -23.17
C ASP A 67 0.20 0.49 -23.34
N ILE A 68 -0.05 -0.84 -23.25
CA ILE A 68 -1.43 -1.37 -23.31
C ILE A 68 -2.32 -0.73 -22.26
N ALA A 69 -1.74 -0.28 -21.15
CA ALA A 69 -2.48 0.23 -20.01
C ALA A 69 -2.58 1.76 -19.99
N LYS A 70 -2.10 2.45 -21.03
CA LYS A 70 -2.18 3.90 -21.09
C LYS A 70 -3.27 4.33 -22.07
N THR A 71 -4.00 5.38 -21.68
CA THR A 71 -5.21 5.86 -22.36
C THR A 71 -4.94 7.19 -23.05
N GLY A 72 -5.59 7.39 -24.20
CA GLY A 72 -5.67 8.71 -24.83
C GLY A 72 -4.34 9.42 -24.98
N ASN A 73 -4.21 10.61 -24.40
CA ASN A 73 -2.99 11.39 -24.57
C ASN A 73 -1.96 11.14 -23.48
N TYR A 74 -2.17 10.17 -22.59
CA TYR A 74 -1.23 9.95 -21.50
C TYR A 74 -0.03 9.16 -22.00
N THR A 75 1.16 9.69 -21.75
CA THR A 75 2.39 9.16 -22.32
C THR A 75 3.20 8.36 -21.31
N LYS A 76 2.95 8.55 -20.02
CA LYS A 76 3.74 7.89 -18.98
C LYS A 76 2.98 7.92 -17.67
N ILE A 77 3.03 6.81 -16.94
CA ILE A 77 2.54 6.77 -15.57
C ILE A 77 3.53 5.92 -14.79
N ALA A 78 4.07 6.46 -13.70
CA ALA A 78 5.17 5.76 -13.05
C ALA A 78 5.12 5.98 -11.55
N ILE A 79 5.69 5.02 -10.82
CA ILE A 79 5.82 5.12 -9.36
C ILE A 79 7.27 4.85 -9.02
N ASP A 80 7.94 5.80 -8.38
CA ASP A 80 9.31 5.60 -7.93
C ASP A 80 9.35 5.51 -6.43
N PHE A 81 10.19 4.63 -5.88
CA PHE A 81 10.35 4.47 -4.44
C PHE A 81 11.75 4.91 -4.00
N SER A 82 11.82 5.77 -2.98
CA SER A 82 13.12 6.20 -2.44
C SER A 82 13.14 5.74 -1.00
N PHE A 83 13.84 4.65 -0.74
CA PHE A 83 13.86 4.10 0.61
C PHE A 83 15.05 4.56 1.44
N LEU A 84 16.14 4.96 0.79
CA LEU A 84 17.42 5.08 1.48
C LEU A 84 17.78 6.50 1.90
N ASN A 85 17.16 7.53 1.33
CA ASN A 85 17.59 8.90 1.56
C ASN A 85 16.87 9.49 2.78
N LYS A 86 17.29 10.69 3.19
CA LYS A 86 16.71 11.29 4.39
C LYS A 86 15.27 11.71 4.16
N ASN A 87 14.96 12.17 2.96
CA ASN A 87 13.58 12.54 2.60
C ASN A 87 12.90 11.40 1.85
N ASN A 88 12.77 10.27 2.54
CA ASN A 88 12.35 9.08 1.83
C ASN A 88 10.87 9.19 1.49
N ASN A 89 10.45 8.51 0.41
CA ASN A 89 9.18 8.91 -0.20
C ASN A 89 8.75 7.89 -1.25
N ILE A 90 7.48 7.98 -1.64
CA ILE A 90 6.99 7.40 -2.90
C ILE A 90 6.62 8.57 -3.78
N LEU A 91 6.92 8.44 -5.07
CA LEU A 91 6.55 9.49 -6.04
C LEU A 91 5.69 8.82 -7.10
N ILE A 92 4.45 9.29 -7.24
CA ILE A 92 3.55 8.85 -8.32
C ILE A 92 3.49 10.01 -9.30
N TYR A 93 3.82 9.79 -10.56
CA TYR A 93 3.70 10.88 -11.51
C TYR A 93 3.19 10.39 -12.84
N PHE A 94 2.65 11.33 -13.61
CA PHE A 94 2.17 10.97 -14.92
C PHE A 94 2.30 12.17 -15.82
N GLU A 95 2.28 11.89 -17.12
CA GLU A 95 2.52 12.90 -18.15
C GLU A 95 1.51 12.73 -19.27
N LYS A 96 1.11 13.86 -19.84
CA LYS A 96 0.08 13.94 -20.86
C LYS A 96 0.49 14.99 -21.88
N GLU A 97 0.30 14.69 -23.15
CA GLU A 97 0.57 15.71 -24.15
C GLU A 97 -0.52 16.79 -24.05
N ILE A 98 -0.12 18.06 -24.08
CA ILE A 98 -1.09 19.17 -24.04
C ILE A 98 -1.03 20.05 -25.26
N GLY A 99 0.02 19.96 -26.06
CA GLY A 99 0.11 20.67 -27.30
C GLY A 99 1.26 20.10 -28.08
N PRO A 100 1.56 20.66 -29.25
CA PRO A 100 2.64 20.08 -30.07
C PRO A 100 3.98 20.26 -29.36
N ASN A 101 4.65 19.15 -29.10
CA ASN A 101 5.96 19.12 -28.43
C ASN A 101 5.90 19.62 -26.98
N VAL A 102 4.76 19.53 -26.32
CA VAL A 102 4.66 20.01 -24.93
C VAL A 102 3.84 19.01 -24.13
N ARG A 103 4.35 18.59 -22.98
CA ARG A 103 3.63 17.69 -22.07
C ARG A 103 3.53 18.33 -20.71
N VAL A 104 2.44 18.07 -20.03
CA VAL A 104 2.32 18.40 -18.62
C VAL A 104 2.70 17.17 -17.80
N ARG A 105 3.35 17.40 -16.68
CA ARG A 105 3.74 16.32 -15.78
C ARG A 105 3.11 16.64 -14.44
N ILE A 106 2.30 15.73 -13.92
CA ILE A 106 1.72 15.96 -12.61
C ILE A 106 2.43 15.01 -11.65
N TRP A 107 2.96 15.58 -10.58
CA TRP A 107 4.01 15.03 -9.74
C TRP A 107 3.47 14.96 -8.33
N ASN A 108 3.38 13.75 -7.75
CA ASN A 108 2.64 13.60 -6.50
C ASN A 108 3.55 12.84 -5.56
N LYS A 109 4.18 13.57 -4.65
CA LYS A 109 5.26 13.00 -3.85
C LYS A 109 4.79 12.88 -2.40
N TYR A 110 4.79 11.64 -1.88
CA TYR A 110 4.42 11.40 -0.50
C TYR A 110 5.69 11.21 0.32
N THR A 111 5.93 12.14 1.27
CA THR A 111 7.14 12.12 2.08
C THR A 111 6.80 11.42 3.40
N ARG A 112 7.57 10.38 3.70
CA ARG A 112 7.29 9.53 4.87
C ARG A 112 7.42 10.28 6.17
N GLN A 113 8.43 11.13 6.29
CA GLN A 113 8.76 11.66 7.61
C GLN A 113 7.74 12.68 8.13
N ASP A 114 6.92 13.27 7.26
CA ASP A 114 5.92 14.24 7.71
C ASP A 114 4.54 13.84 7.20
N ARG A 115 4.40 12.59 6.72
CA ARG A 115 3.15 12.03 6.20
C ARG A 115 2.41 13.04 5.33
N THR A 116 3.12 13.57 4.34
CA THR A 116 2.56 14.66 3.53
C THR A 116 2.59 14.26 2.07
N LEU A 117 1.45 14.42 1.36
CA LEU A 117 1.38 14.26 -0.08
C LEU A 117 1.41 15.66 -0.71
N THR A 118 2.40 15.93 -1.54
CA THR A 118 2.56 17.22 -2.21
C THR A 118 2.33 17.01 -3.70
N LYS A 119 1.32 17.71 -4.26
CA LYS A 119 0.94 17.57 -5.65
C LYS A 119 1.49 18.80 -6.36
N SER A 120 2.22 18.61 -7.45
CA SER A 120 2.80 19.75 -8.16
C SER A 120 2.74 19.49 -9.67
N VAL A 121 3.02 20.53 -10.44
CA VAL A 121 2.88 20.50 -11.90
C VAL A 121 4.17 20.99 -12.55
N LYS A 122 4.61 20.27 -13.57
CA LYS A 122 5.80 20.61 -14.34
C LYS A 122 5.46 20.52 -15.82
N ILE A 123 6.36 21.01 -16.66
CA ILE A 123 6.22 21.00 -18.10
C ILE A 123 7.42 20.28 -18.70
N ALA A 124 7.19 19.52 -19.75
CA ALA A 124 8.27 18.98 -20.58
C ALA A 124 8.12 19.53 -22.00
N LEU A 125 9.23 20.08 -22.53
CA LEU A 125 9.30 20.53 -23.91
C LEU A 125 10.08 19.51 -24.73
N GLU A 126 9.49 19.05 -25.82
CA GLU A 126 10.15 18.04 -26.63
C GLU A 126 10.88 18.74 -27.77
N LYS A 127 12.20 18.64 -27.77
CA LYS A 127 13.04 19.23 -28.80
C LYS A 127 13.73 18.09 -29.55
N GLY A 128 12.93 17.34 -30.32
CA GLY A 128 13.42 16.19 -31.04
C GLY A 128 13.79 15.02 -30.15
N ASP A 129 15.10 14.80 -30.00
CA ASP A 129 15.57 13.69 -29.17
C ASP A 129 15.32 13.94 -27.70
N SER A 130 15.59 15.15 -27.23
CA SER A 130 15.59 15.43 -25.80
C SER A 130 14.28 16.03 -25.35
N ASP A 131 14.04 15.95 -24.03
CA ASP A 131 13.08 16.76 -23.32
C ASP A 131 13.84 17.80 -22.50
N LYS A 132 13.33 19.03 -22.50
CA LYS A 132 13.77 20.04 -21.56
C LYS A 132 12.68 20.21 -20.50
N TYR A 133 13.06 20.18 -19.23
CA TYR A 133 12.08 20.19 -18.15
C TYR A 133 11.93 21.57 -17.52
N ILE A 134 10.68 21.96 -17.28
CA ILE A 134 10.36 23.29 -16.76
C ILE A 134 9.52 23.13 -15.52
N GLU A 135 9.98 23.73 -14.40
CA GLU A 135 9.32 23.63 -13.11
C GLU A 135 9.01 24.98 -12.49
N ASP A 136 9.64 26.06 -12.94
CA ASP A 136 9.34 27.36 -12.35
C ASP A 136 7.85 27.71 -12.48
N GLU A 137 7.23 28.08 -11.37
CA GLU A 137 5.78 28.24 -11.35
C GLU A 137 5.27 29.19 -12.44
N THR A 138 5.92 30.35 -12.61
CA THR A 138 5.41 31.30 -13.59
C THR A 138 5.44 30.70 -14.99
N GLN A 139 6.54 30.01 -15.33
CA GLN A 139 6.65 29.40 -16.65
C GLN A 139 5.61 28.31 -16.82
N VAL A 140 5.46 27.45 -15.80
CA VAL A 140 4.49 26.36 -15.90
C VAL A 140 3.09 26.92 -16.13
N ARG A 141 2.69 27.91 -15.32
CA ARG A 141 1.36 28.48 -15.49
C ARG A 141 1.18 29.14 -16.86
N ALA A 142 2.24 29.72 -17.44
CA ALA A 142 2.10 30.27 -18.79
C ALA A 142 1.75 29.19 -19.82
N TYR A 143 2.41 28.03 -19.72
CA TYR A 143 2.08 26.93 -20.63
C TYR A 143 0.66 26.46 -20.39
N LEU A 144 0.26 26.32 -19.11
CA LEU A 144 -1.09 25.83 -18.85
C LEU A 144 -2.12 26.78 -19.42
N LYS A 145 -1.92 28.09 -19.19
CA LYS A 145 -2.84 29.10 -19.74
C LYS A 145 -2.88 29.05 -21.25
N LYS A 146 -1.72 28.89 -21.90
CA LYS A 146 -1.72 28.84 -23.36
C LYS A 146 -2.59 27.70 -23.88
N TYR A 147 -2.47 26.53 -23.28
CA TYR A 147 -3.20 25.38 -23.77
C TYR A 147 -4.55 25.18 -23.10
N GLY A 148 -5.01 26.17 -22.34
CA GLY A 148 -6.33 26.12 -21.72
C GLY A 148 -6.53 25.09 -20.63
N ILE A 149 -5.52 24.85 -19.80
CA ILE A 149 -5.61 23.89 -18.72
C ILE A 149 -5.84 24.63 -17.41
N THR A 150 -6.99 24.39 -16.80
CA THR A 150 -7.35 25.08 -15.56
C THR A 150 -6.98 24.25 -14.35
N ALA A 151 -7.06 24.88 -13.17
CA ALA A 151 -6.90 24.10 -11.95
C ALA A 151 -7.93 22.97 -11.87
N LYS A 152 -9.15 23.22 -12.33
CA LYS A 152 -10.17 22.17 -12.33
C LYS A 152 -9.78 21.04 -13.28
N ASP A 153 -9.14 21.37 -14.41
CA ASP A 153 -8.60 20.33 -15.28
C ASP A 153 -7.50 19.52 -14.58
N LEU A 154 -6.62 20.19 -13.85
CA LEU A 154 -5.58 19.46 -13.14
C LEU A 154 -6.19 18.49 -12.12
N ASP A 155 -7.22 18.93 -11.42
CA ASP A 155 -7.94 18.04 -10.50
C ASP A 155 -8.51 16.86 -11.24
N ALA A 156 -9.09 17.09 -12.42
CA ALA A 156 -9.70 15.98 -13.13
C ALA A 156 -8.65 14.96 -13.59
N HIS A 157 -7.48 15.43 -14.06
CA HIS A 157 -6.40 14.52 -14.46
C HIS A 157 -5.90 13.71 -13.26
N TYR A 158 -5.73 14.38 -12.12
CA TYR A 158 -5.30 13.70 -10.91
C TYR A 158 -6.32 12.63 -10.49
N GLU A 159 -7.61 13.00 -10.50
CA GLU A 159 -8.65 12.04 -10.15
C GLU A 159 -8.62 10.85 -11.10
N LYS A 160 -8.46 11.10 -12.39
CA LYS A 160 -8.53 10.03 -13.37
C LYS A 160 -7.34 9.07 -13.26
N ILE A 161 -6.13 9.61 -13.11
CA ILE A 161 -4.94 8.76 -13.14
C ILE A 161 -4.54 8.31 -11.76
N VAL A 162 -4.44 9.21 -10.78
CA VAL A 162 -3.98 8.76 -9.47
C VAL A 162 -5.09 7.98 -8.76
N ASN A 163 -6.29 8.56 -8.67
CA ASN A 163 -7.31 7.88 -7.87
C ASN A 163 -7.92 6.69 -8.60
N GLN A 164 -8.38 6.91 -9.84
CA GLN A 164 -9.16 5.91 -10.56
C GLN A 164 -8.29 4.91 -11.29
N LYS A 165 -6.98 5.09 -11.28
CA LYS A 165 -6.13 4.13 -11.95
C LYS A 165 -5.07 3.60 -10.99
N VAL A 166 -4.12 4.44 -10.58
CA VAL A 166 -3.00 3.94 -9.75
C VAL A 166 -3.51 3.40 -8.42
N LEU A 167 -4.30 4.18 -7.71
CA LEU A 167 -4.72 3.72 -6.38
C LEU A 167 -5.78 2.64 -6.49
N LYS A 168 -6.62 2.69 -7.51
CA LYS A 168 -7.60 1.62 -7.71
C LYS A 168 -6.87 0.31 -8.06
N ASP A 169 -5.79 0.41 -8.83
CA ASP A 169 -4.94 -0.75 -9.12
C ASP A 169 -4.32 -1.31 -7.86
N TRP A 170 -3.79 -0.43 -6.99
CA TRP A 170 -3.24 -0.89 -5.71
C TRP A 170 -4.26 -1.71 -4.95
N CYS A 171 -5.51 -1.19 -4.88
CA CYS A 171 -6.55 -1.92 -4.14
C CYS A 171 -6.97 -3.21 -4.84
N SER A 172 -6.58 -3.42 -6.10
CA SER A 172 -6.85 -4.69 -6.76
C SER A 172 -5.81 -5.76 -6.47
N ILE A 173 -4.61 -5.39 -6.00
CA ILE A 173 -3.59 -6.39 -5.68
C ILE A 173 -3.29 -6.49 -4.20
N TYR A 174 -3.75 -5.55 -3.38
CA TYR A 174 -3.53 -5.52 -1.94
C TYR A 174 -4.86 -5.25 -1.24
N LYS A 175 -5.16 -5.99 -0.16
CA LYS A 175 -6.42 -5.75 0.56
C LYS A 175 -6.25 -4.50 1.43
N SER A 176 -6.45 -3.34 0.81
CA SER A 176 -6.15 -2.07 1.47
C SER A 176 -7.09 -1.79 2.63
N LYS A 177 -6.57 -1.14 3.65
CA LYS A 177 -7.42 -0.58 4.72
C LYS A 177 -7.89 0.83 4.37
N TYR A 178 -7.51 1.32 3.20
CA TYR A 178 -7.88 2.67 2.74
C TYR A 178 -8.54 2.50 1.37
N SER A 179 -8.66 3.59 0.62
CA SER A 179 -9.28 3.51 -0.68
C SER A 179 -8.96 4.79 -1.45
N PRO A 180 -9.23 4.82 -2.74
CA PRO A 180 -9.01 6.06 -3.52
C PRO A 180 -9.86 7.23 -3.07
N LYS A 181 -10.96 6.99 -2.37
CA LYS A 181 -11.75 8.12 -1.88
C LYS A 181 -11.55 8.37 -0.40
N ASP A 182 -10.72 7.57 0.29
CA ASP A 182 -10.43 7.85 1.70
C ASP A 182 -8.99 7.46 1.93
N TYR A 183 -8.10 8.44 1.84
CA TYR A 183 -6.68 8.11 1.90
C TYR A 183 -6.23 7.73 3.31
N GLY A 184 -6.95 8.16 4.35
CA GLY A 184 -6.46 8.02 5.71
C GLY A 184 -5.84 9.31 6.23
N GLN A 185 -4.91 9.18 7.17
CA GLN A 185 -4.34 10.33 7.88
C GLN A 185 -3.13 10.79 7.10
N VAL A 186 -3.30 11.87 6.33
CA VAL A 186 -2.23 12.36 5.45
C VAL A 186 -2.49 13.84 5.20
N THR A 187 -1.42 14.63 5.25
CA THR A 187 -1.55 16.06 4.95
C THR A 187 -1.40 16.22 3.44
N VAL A 188 -2.37 16.88 2.79
CA VAL A 188 -2.32 16.98 1.32
C VAL A 188 -2.10 18.45 0.95
N LYS A 189 -1.05 18.70 0.19
CA LYS A 189 -0.71 20.06 -0.24
C LYS A 189 -0.71 20.09 -1.76
N GLN A 191 -0.19 22.30 -5.23
CA GLN A 191 0.40 23.53 -5.76
C GLN A 191 -0.64 24.43 -6.41
N TRP A 192 -1.60 23.85 -7.10
CA TRP A 192 -2.55 24.62 -7.89
C TRP A 192 -3.83 24.99 -7.13
N GLU A 193 -3.81 24.91 -5.80
CA GLU A 193 -5.03 25.05 -5.02
C GLU A 193 -5.70 26.39 -5.26
N LYS A 194 -4.92 27.44 -5.48
CA LYS A 194 -5.51 28.76 -5.66
C LYS A 194 -5.50 29.22 -7.10
N TRP A 195 -5.12 28.36 -8.05
CA TRP A 195 -5.02 28.73 -9.47
C TRP A 195 -6.35 28.72 -10.22
N ASN B 16 -32.26 -8.56 -2.62
CA ASN B 16 -32.28 -8.20 -4.04
C ASN B 16 -30.90 -7.78 -4.59
N GLN B 17 -30.20 -6.95 -3.84
CA GLN B 17 -28.97 -6.36 -4.33
C GLN B 17 -27.84 -7.38 -4.30
N PRO B 18 -26.81 -7.18 -5.11
CA PRO B 18 -25.72 -8.16 -5.16
C PRO B 18 -24.98 -8.24 -3.85
N LYS B 19 -24.64 -9.46 -3.42
CA LYS B 19 -23.85 -9.66 -2.21
C LYS B 19 -22.37 -9.86 -2.49
N ASN B 20 -21.99 -9.99 -3.75
CA ASN B 20 -20.59 -10.25 -4.07
C ASN B 20 -20.42 -9.90 -5.54
N ILE B 21 -19.16 -9.90 -6.00
CA ILE B 21 -18.87 -9.43 -7.35
C ILE B 21 -19.50 -10.33 -8.40
N PHE B 22 -19.68 -11.62 -8.10
CA PHE B 22 -20.27 -12.52 -9.10
C PHE B 22 -21.76 -12.24 -9.25
N ASP B 23 -22.46 -11.97 -8.14
CA ASP B 23 -23.86 -11.55 -8.27
C ASP B 23 -23.97 -10.31 -9.11
N GLU B 24 -23.01 -9.43 -8.96
CA GLU B 24 -23.05 -8.16 -9.65
C GLU B 24 -22.90 -8.37 -11.16
N ILE B 25 -21.94 -9.21 -11.57
CA ILE B 25 -21.77 -9.54 -12.98
C ILE B 25 -23.04 -10.22 -13.52
N TYR B 26 -23.56 -11.16 -12.74
CA TYR B 26 -24.75 -11.90 -13.16
C TYR B 26 -25.93 -10.95 -13.36
N GLN B 27 -26.21 -10.12 -12.37
CA GLN B 27 -27.42 -9.31 -12.42
C GLN B 27 -27.30 -8.24 -13.51
N GLU B 28 -26.15 -7.61 -13.62
CA GLU B 28 -25.99 -6.56 -14.61
C GLU B 28 -25.99 -7.11 -16.03
N THR B 29 -25.37 -8.29 -16.23
CA THR B 29 -25.45 -8.92 -17.56
C THR B 29 -26.88 -9.35 -17.86
N GLU B 30 -27.60 -9.91 -16.88
CA GLU B 30 -28.99 -10.27 -17.18
C GLU B 30 -29.81 -9.03 -17.50
N LYS B 31 -29.49 -7.91 -16.87
CA LYS B 31 -30.26 -6.69 -17.09
C LYS B 31 -30.03 -6.15 -18.49
N THR B 32 -28.84 -6.35 -19.06
CA THR B 32 -28.41 -5.65 -20.27
C THR B 32 -28.30 -6.51 -21.53
N TYR B 33 -28.30 -7.83 -21.41
CA TYR B 33 -27.79 -8.63 -22.55
C TYR B 33 -28.77 -8.62 -23.72
N ARG B 34 -30.05 -8.31 -23.49
CA ARG B 34 -31.00 -8.28 -24.59
C ARG B 34 -31.11 -6.92 -25.26
N LEU B 35 -30.66 -5.86 -24.57
CA LEU B 35 -30.81 -4.50 -25.04
C LEU B 35 -29.49 -3.91 -25.55
N ASN B 36 -28.44 -4.02 -24.74
CA ASN B 36 -27.13 -3.51 -25.05
C ASN B 36 -26.17 -4.07 -24.01
N ASN B 37 -25.62 -5.26 -24.30
CA ASN B 37 -24.82 -6.01 -23.33
C ASN B 37 -23.72 -5.14 -22.72
N ILE B 38 -23.65 -5.12 -21.39
CA ILE B 38 -22.60 -4.34 -20.75
C ILE B 38 -21.21 -4.70 -21.29
N PHE B 39 -21.01 -5.96 -21.69
CA PHE B 39 -19.69 -6.31 -22.20
C PHE B 39 -19.40 -5.73 -23.58
N ASN B 40 -20.37 -5.12 -24.25
CA ASN B 40 -20.04 -4.32 -25.44
C ASN B 40 -19.05 -3.20 -25.12
N LYS B 41 -18.97 -2.75 -23.86
CA LYS B 41 -18.01 -1.72 -23.46
C LYS B 41 -16.58 -2.21 -23.40
N LEU B 42 -16.36 -3.52 -23.37
CA LEU B 42 -15.04 -4.08 -23.12
C LEU B 42 -14.45 -4.49 -24.48
N THR B 43 -13.49 -3.69 -24.98
CA THR B 43 -13.01 -3.91 -26.33
C THR B 43 -12.17 -5.17 -26.46
N ASP B 44 -11.68 -5.72 -25.34
CA ASP B 44 -10.90 -6.95 -25.42
C ASP B 44 -11.74 -8.20 -25.65
N VAL B 45 -13.07 -8.12 -25.67
CA VAL B 45 -13.87 -9.33 -25.76
C VAL B 45 -14.87 -9.26 -26.91
N GLU B 46 -15.27 -10.45 -27.36
CA GLU B 46 -16.37 -10.64 -28.29
C GLU B 46 -17.58 -11.10 -27.46
N VAL B 47 -18.77 -10.63 -27.81
CA VAL B 47 -19.99 -11.11 -27.19
C VAL B 47 -20.59 -12.12 -28.15
N HIS B 48 -21.02 -13.27 -27.63
CA HIS B 48 -21.63 -14.32 -28.41
C HIS B 48 -22.99 -14.67 -27.81
N SER B 49 -23.82 -15.34 -28.59
CA SER B 49 -25.11 -15.81 -28.08
C SER B 49 -25.27 -17.25 -28.52
N TYR B 50 -25.52 -18.14 -27.56
CA TYR B 50 -25.77 -19.55 -27.87
C TYR B 50 -27.14 -20.02 -27.37
N GLN B 51 -27.72 -20.96 -28.09
CA GLN B 51 -29.09 -21.39 -27.83
C GLN B 51 -29.16 -22.21 -26.54
N GLU B 52 -30.17 -21.95 -25.73
CA GLU B 52 -30.38 -22.72 -24.50
C GLU B 52 -31.14 -24.00 -24.80
N TYR B 53 -30.66 -25.13 -24.27
CA TYR B 53 -31.33 -26.41 -24.48
C TYR B 53 -32.75 -26.39 -23.93
N SER B 54 -32.96 -25.79 -22.76
CA SER B 54 -34.25 -25.86 -22.08
C SER B 54 -35.33 -25.11 -22.85
N ASP B 55 -35.04 -23.89 -23.28
CA ASP B 55 -35.96 -23.10 -24.09
C ASP B 55 -35.28 -22.80 -25.42
N ASP B 56 -35.78 -23.44 -26.49
CA ASP B 56 -35.34 -23.10 -27.83
C ASP B 56 -35.69 -21.66 -28.20
N SER B 57 -36.43 -20.95 -27.36
CA SER B 57 -36.77 -19.56 -27.61
C SER B 57 -35.69 -18.58 -27.15
N LYS B 58 -34.76 -19.00 -26.30
CA LYS B 58 -33.84 -18.08 -25.65
C LYS B 58 -32.39 -18.40 -26.01
N PHE B 59 -31.59 -17.35 -26.12
CA PHE B 59 -30.15 -17.43 -26.32
C PHE B 59 -29.45 -16.89 -25.08
N TYR B 60 -28.43 -17.66 -24.56
CA TYR B 60 -27.69 -17.13 -23.42
C TYR B 60 -26.44 -16.40 -23.92
N PRO B 61 -25.96 -15.41 -23.18
CA PRO B 61 -24.76 -14.69 -23.60
C PRO B 61 -23.51 -15.41 -23.13
N SER B 62 -22.48 -15.24 -23.93
CA SER B 62 -21.19 -15.85 -23.66
C SER B 62 -20.15 -14.85 -24.11
N ILE B 63 -19.11 -14.66 -23.31
CA ILE B 63 -18.07 -13.67 -23.57
C ILE B 63 -16.79 -14.41 -23.95
N LEU B 64 -16.12 -13.98 -25.02
CA LEU B 64 -14.87 -14.64 -25.43
C LEU B 64 -13.77 -13.60 -25.56
N TYR B 65 -12.64 -13.79 -24.86
CA TYR B 65 -11.56 -12.83 -25.04
C TYR B 65 -10.91 -12.97 -26.42
N LYS B 66 -10.64 -11.82 -27.04
CA LYS B 66 -10.03 -11.80 -28.38
C LYS B 66 -8.55 -12.18 -28.29
N ASP B 67 -8.02 -12.70 -29.40
CA ASP B 67 -6.65 -13.21 -29.42
C ASP B 67 -5.65 -12.17 -28.94
N ILE B 68 -5.84 -10.91 -29.32
CA ILE B 68 -5.01 -9.81 -28.84
C ILE B 68 -4.94 -9.83 -27.32
N ALA B 69 -6.08 -10.08 -26.66
CA ALA B 69 -6.13 -10.07 -25.20
C ALA B 69 -5.62 -11.34 -24.55
N LYS B 70 -5.42 -12.43 -25.31
CA LYS B 70 -4.88 -13.65 -24.70
C LYS B 70 -3.44 -13.40 -24.30
N THR B 71 -3.24 -13.19 -22.98
CA THR B 71 -2.02 -12.57 -22.44
C THR B 71 -1.00 -13.64 -22.06
N GLY B 72 -0.42 -14.25 -23.09
CA GLY B 72 0.55 -15.30 -22.87
C GLY B 72 0.17 -16.56 -23.62
N ASN B 73 0.47 -17.70 -23.03
CA ASN B 73 0.23 -18.98 -23.69
C ASN B 73 -1.20 -19.51 -23.45
N TYR B 74 -2.19 -18.64 -23.26
CA TYR B 74 -3.53 -19.16 -23.05
C TYR B 74 -4.22 -19.37 -24.39
N THR B 75 -5.05 -20.40 -24.45
CA THR B 75 -5.75 -20.70 -25.70
C THR B 75 -7.19 -20.23 -25.70
N LYS B 76 -7.79 -20.04 -24.53
CA LYS B 76 -9.14 -19.53 -24.46
C LYS B 76 -9.37 -18.88 -23.12
N ILE B 77 -10.11 -17.77 -23.09
CA ILE B 77 -10.62 -17.23 -21.83
C ILE B 77 -12.05 -16.83 -22.09
N ALA B 78 -13.00 -17.36 -21.31
CA ALA B 78 -14.41 -17.19 -21.65
C ALA B 78 -15.27 -17.02 -20.40
N ILE B 79 -16.45 -16.40 -20.58
CA ILE B 79 -17.45 -16.36 -19.51
C ILE B 79 -18.77 -16.82 -20.10
N ASP B 80 -19.40 -17.84 -19.52
CA ASP B 80 -20.73 -18.27 -19.94
C ASP B 80 -21.74 -17.88 -18.87
N PHE B 81 -22.95 -17.49 -19.29
CA PHE B 81 -24.00 -17.17 -18.34
C PHE B 81 -25.14 -18.16 -18.50
N SER B 82 -25.76 -18.56 -17.40
CA SER B 82 -27.03 -19.27 -17.52
C SER B 82 -28.08 -18.61 -16.64
N PHE B 83 -29.15 -18.11 -17.27
CA PHE B 83 -30.24 -17.49 -16.54
C PHE B 83 -31.45 -18.43 -16.37
N LEU B 84 -31.31 -19.70 -16.67
CA LEU B 84 -32.41 -20.65 -16.50
C LEU B 84 -32.67 -21.00 -15.04
N ASN B 85 -33.96 -21.17 -14.71
CA ASN B 85 -34.38 -21.29 -13.31
C ASN B 85 -33.69 -22.45 -12.59
N LYS B 86 -33.23 -23.47 -13.31
CA LYS B 86 -32.57 -24.61 -12.67
C LYS B 86 -31.24 -24.19 -12.05
N ASN B 87 -30.32 -23.71 -12.88
CA ASN B 87 -28.99 -23.32 -12.41
C ASN B 87 -28.70 -21.93 -12.93
N ASN B 88 -29.15 -20.93 -12.19
CA ASN B 88 -28.66 -19.57 -12.37
C ASN B 88 -27.16 -19.61 -12.06
N ASN B 89 -26.31 -19.39 -13.05
CA ASN B 89 -24.88 -19.40 -12.75
C ASN B 89 -24.08 -18.56 -13.74
N ILE B 90 -22.83 -18.27 -13.37
CA ILE B 90 -21.80 -17.76 -14.28
C ILE B 90 -20.64 -18.74 -14.28
N LEU B 91 -20.06 -19.00 -15.44
CA LEU B 91 -18.87 -19.86 -15.53
C LEU B 91 -17.76 -19.02 -16.12
N ILE B 92 -16.68 -18.80 -15.37
CA ILE B 92 -15.48 -18.17 -15.92
C ILE B 92 -14.45 -19.27 -16.11
N TYR B 93 -13.95 -19.45 -17.33
CA TYR B 93 -12.98 -20.54 -17.48
C TYR B 93 -11.90 -20.15 -18.46
N PHE B 94 -10.76 -20.84 -18.36
CA PHE B 94 -9.68 -20.52 -19.27
C PHE B 94 -8.84 -21.77 -19.47
N GLU B 95 -8.13 -21.81 -20.59
CA GLU B 95 -7.42 -23.03 -20.94
C GLU B 95 -6.02 -22.65 -21.35
N LYS B 96 -5.10 -23.59 -21.18
CA LYS B 96 -3.74 -23.32 -21.62
C LYS B 96 -3.09 -24.64 -22.03
N GLU B 97 -2.23 -24.63 -23.06
CA GLU B 97 -1.52 -25.85 -23.41
C GLU B 97 -0.47 -26.16 -22.34
N ILE B 98 -0.40 -27.41 -21.88
CA ILE B 98 0.61 -27.79 -20.89
C ILE B 98 1.58 -28.82 -21.41
N GLY B 99 1.27 -29.47 -22.51
CA GLY B 99 2.20 -30.37 -23.13
C GLY B 99 1.64 -30.62 -24.50
N PRO B 100 2.33 -31.44 -25.28
CA PRO B 100 1.88 -31.69 -26.64
C PRO B 100 0.53 -32.40 -26.61
N ASN B 101 -0.46 -31.76 -27.24
CA ASN B 101 -1.81 -32.30 -27.35
C ASN B 101 -2.54 -32.38 -26.01
N VAL B 102 -2.09 -31.62 -25.01
CA VAL B 102 -2.71 -31.64 -23.68
C VAL B 102 -2.91 -30.22 -23.21
N ARG B 103 -4.15 -29.87 -22.82
CA ARG B 103 -4.43 -28.58 -22.25
C ARG B 103 -5.00 -28.77 -20.86
N VAL B 104 -4.79 -27.78 -20.01
CA VAL B 104 -5.49 -27.71 -18.73
C VAL B 104 -6.63 -26.69 -18.88
N ARG B 105 -7.77 -26.96 -18.24
CA ARG B 105 -8.91 -26.06 -18.24
C ARG B 105 -9.20 -25.74 -16.78
N ILE B 106 -9.10 -24.48 -16.41
CA ILE B 106 -9.45 -24.08 -15.04
C ILE B 106 -10.84 -23.47 -15.07
N TRP B 107 -11.75 -24.02 -14.26
CA TRP B 107 -13.20 -23.90 -14.40
C TRP B 107 -13.67 -23.22 -13.11
N ASN B 108 -14.28 -22.03 -13.21
CA ASN B 108 -14.66 -21.28 -12.02
C ASN B 108 -16.14 -20.93 -12.10
N LYS B 109 -16.96 -21.69 -11.39
CA LYS B 109 -18.40 -21.64 -11.55
C LYS B 109 -19.01 -20.99 -10.32
N TYR B 110 -19.74 -19.91 -10.54
CA TYR B 110 -20.47 -19.26 -9.47
C TYR B 110 -21.92 -19.68 -9.59
N THR B 111 -22.43 -20.37 -8.57
CA THR B 111 -23.82 -20.77 -8.57
C THR B 111 -24.59 -19.83 -7.65
N ARG B 112 -25.68 -19.23 -8.19
CA ARG B 112 -26.46 -18.29 -7.40
C ARG B 112 -27.12 -18.92 -6.20
N GLN B 113 -27.59 -20.17 -6.33
CA GLN B 113 -28.48 -20.73 -5.28
C GLN B 113 -27.73 -20.99 -3.98
N ASP B 114 -26.44 -21.34 -4.05
CA ASP B 114 -25.61 -21.62 -2.89
C ASP B 114 -24.58 -20.52 -2.65
N ARG B 115 -24.62 -19.45 -3.45
CA ARG B 115 -23.75 -18.28 -3.34
C ARG B 115 -22.29 -18.73 -3.22
N THR B 116 -21.91 -19.60 -4.13
CA THR B 116 -20.64 -20.35 -4.00
C THR B 116 -19.89 -20.21 -5.30
N LEU B 117 -18.57 -19.93 -5.20
CA LEU B 117 -17.67 -20.01 -6.34
C LEU B 117 -16.86 -21.30 -6.21
N THR B 118 -16.97 -22.19 -7.21
CA THR B 118 -16.26 -23.48 -7.15
C THR B 118 -15.16 -23.41 -8.20
N LYS B 119 -13.90 -23.60 -7.79
CA LYS B 119 -12.73 -23.54 -8.66
C LYS B 119 -12.27 -24.98 -8.89
N SER B 120 -12.25 -25.44 -10.14
CA SER B 120 -11.85 -26.82 -10.38
C SER B 120 -10.97 -26.90 -11.65
N VAL B 121 -10.41 -28.10 -11.90
CA VAL B 121 -9.42 -28.31 -12.95
C VAL B 121 -9.81 -29.51 -13.79
N LYS B 122 -9.74 -29.36 -15.12
CA LYS B 122 -10.01 -30.46 -16.07
C LYS B 122 -8.86 -30.51 -17.06
N ILE B 123 -8.76 -31.62 -17.79
CA ILE B 123 -7.72 -31.82 -18.79
C ILE B 123 -8.41 -32.04 -20.13
N ALA B 124 -7.85 -31.45 -21.19
CA ALA B 124 -8.31 -31.72 -22.55
C ALA B 124 -7.20 -32.45 -23.31
N LEU B 125 -7.54 -33.60 -23.90
CA LEU B 125 -6.64 -34.38 -24.75
C LEU B 125 -7.01 -34.07 -26.19
N GLU B 126 -6.06 -33.53 -26.95
CA GLU B 126 -6.28 -33.19 -28.36
C GLU B 126 -5.92 -34.39 -29.21
N LYS B 127 -6.89 -34.96 -29.88
CA LYS B 127 -6.67 -36.08 -30.79
C LYS B 127 -7.33 -35.73 -32.11
N GLY B 128 -6.53 -35.32 -33.09
CA GLY B 128 -7.11 -34.68 -34.26
C GLY B 128 -7.50 -33.26 -33.90
N ASP B 129 -8.74 -32.89 -34.19
CA ASP B 129 -9.31 -31.61 -33.78
C ASP B 129 -10.42 -31.75 -32.75
N SER B 130 -10.72 -32.98 -32.32
CA SER B 130 -11.83 -33.25 -31.39
C SER B 130 -11.24 -33.62 -30.03
N ASP B 131 -11.31 -32.67 -29.09
CA ASP B 131 -10.78 -32.86 -27.75
C ASP B 131 -11.58 -33.91 -26.98
N LYS B 132 -10.90 -34.61 -26.06
CA LYS B 132 -11.55 -35.46 -25.08
C LYS B 132 -11.24 -34.89 -23.69
N TYR B 133 -12.27 -34.67 -22.87
CA TYR B 133 -12.08 -34.05 -21.55
C TYR B 133 -12.05 -35.06 -20.41
N ILE B 134 -11.13 -34.85 -19.49
CA ILE B 134 -10.88 -35.68 -18.32
C ILE B 134 -11.11 -34.83 -17.07
N GLU B 135 -11.96 -35.32 -16.15
CA GLU B 135 -12.33 -34.59 -14.95
C GLU B 135 -12.10 -35.34 -13.68
N ASP B 136 -11.88 -36.66 -13.76
CA ASP B 136 -11.67 -37.42 -12.54
C ASP B 136 -10.45 -36.92 -11.78
N GLU B 137 -10.56 -36.78 -10.46
CA GLU B 137 -9.50 -36.11 -9.71
C GLU B 137 -8.15 -36.82 -9.83
N THR B 138 -8.12 -38.14 -9.67
CA THR B 138 -6.86 -38.88 -9.75
C THR B 138 -6.23 -38.76 -11.13
N GLN B 139 -7.04 -38.87 -12.18
CA GLN B 139 -6.53 -38.71 -13.53
C GLN B 139 -6.00 -37.29 -13.73
N VAL B 140 -6.78 -36.29 -13.34
CA VAL B 140 -6.32 -34.91 -13.56
C VAL B 140 -4.99 -34.67 -12.84
N ARG B 141 -4.88 -35.10 -11.59
CA ARG B 141 -3.64 -34.88 -10.84
C ARG B 141 -2.47 -35.62 -11.47
N ALA B 142 -2.72 -36.79 -12.09
CA ALA B 142 -1.64 -37.48 -12.81
C ALA B 142 -1.14 -36.65 -13.99
N TYR B 143 -2.04 -36.05 -14.78
CA TYR B 143 -1.58 -35.13 -15.83
C TYR B 143 -0.83 -33.94 -15.26
N LEU B 144 -1.33 -33.35 -14.17
CA LEU B 144 -0.62 -32.19 -13.60
C LEU B 144 0.77 -32.59 -13.14
N LYS B 145 0.90 -33.77 -12.54
CA LYS B 145 2.24 -34.21 -12.10
C LYS B 145 3.15 -34.47 -13.29
N LYS B 146 2.62 -35.09 -14.33
CA LYS B 146 3.42 -35.39 -15.50
C LYS B 146 4.07 -34.14 -16.10
N TYR B 147 3.36 -33.00 -16.08
CA TYR B 147 3.85 -31.74 -16.64
C TYR B 147 4.32 -30.75 -15.58
N GLY B 148 4.38 -31.18 -14.32
CA GLY B 148 5.01 -30.37 -13.30
C GLY B 148 4.16 -29.17 -12.88
N ILE B 149 2.84 -29.32 -12.93
CA ILE B 149 1.95 -28.21 -12.63
C ILE B 149 1.52 -28.35 -11.19
N THR B 150 1.87 -27.37 -10.39
CA THR B 150 1.63 -27.45 -8.95
C THR B 150 0.38 -26.71 -8.56
N ALA B 151 -0.05 -26.92 -7.31
CA ALA B 151 -1.16 -26.12 -6.78
C ALA B 151 -0.82 -24.62 -6.79
N LYS B 152 0.42 -24.24 -6.49
CA LYS B 152 0.78 -22.82 -6.57
C LYS B 152 0.74 -22.30 -7.99
N ASP B 153 1.07 -23.16 -8.97
CA ASP B 153 0.92 -22.76 -10.37
C ASP B 153 -0.54 -22.48 -10.68
N LEU B 154 -1.43 -23.35 -10.20
CA LEU B 154 -2.86 -23.13 -10.45
C LEU B 154 -3.31 -21.84 -9.82
N ASP B 155 -2.87 -21.57 -8.59
CA ASP B 155 -3.15 -20.29 -7.94
C ASP B 155 -2.69 -19.13 -8.82
N ALA B 156 -1.47 -19.22 -9.33
CA ALA B 156 -0.90 -18.10 -10.07
C ALA B 156 -1.68 -17.84 -11.36
N HIS B 157 -2.11 -18.91 -12.04
CA HIS B 157 -2.92 -18.74 -13.24
C HIS B 157 -4.26 -18.11 -12.89
N TYR B 158 -4.92 -18.63 -11.85
CA TYR B 158 -6.19 -18.06 -11.37
C TYR B 158 -6.04 -16.56 -11.07
N GLU B 159 -4.99 -16.19 -10.35
CA GLU B 159 -4.82 -14.77 -10.01
C GLU B 159 -4.62 -13.93 -11.28
N LYS B 160 -3.79 -14.42 -12.19
CA LYS B 160 -3.49 -13.65 -13.41
C LYS B 160 -4.75 -13.48 -14.26
N ILE B 161 -5.51 -14.57 -14.45
CA ILE B 161 -6.60 -14.52 -15.43
C ILE B 161 -7.91 -14.13 -14.78
N VAL B 162 -8.31 -14.80 -13.69
CA VAL B 162 -9.62 -14.45 -13.12
C VAL B 162 -9.55 -13.11 -12.39
N ASN B 163 -8.53 -12.90 -11.52
CA ASN B 163 -8.57 -11.65 -10.77
C ASN B 163 -8.03 -10.48 -11.60
N GLN B 164 -6.84 -10.65 -12.18
CA GLN B 164 -6.20 -9.48 -12.79
C GLN B 164 -6.67 -9.22 -14.19
N LYS B 165 -7.42 -10.13 -14.79
CA LYS B 165 -7.96 -9.88 -16.12
C LYS B 165 -9.48 -9.84 -16.10
N VAL B 166 -10.18 -10.96 -15.89
CA VAL B 166 -11.64 -10.95 -15.98
C VAL B 166 -12.27 -9.99 -14.96
N LEU B 167 -11.94 -10.14 -13.68
CA LEU B 167 -12.65 -9.33 -12.70
C LEU B 167 -12.16 -7.90 -12.74
N LYS B 168 -10.88 -7.71 -13.02
CA LYS B 168 -10.37 -6.34 -13.13
C LYS B 168 -11.01 -5.63 -14.33
N ASP B 169 -11.19 -6.36 -15.45
CA ASP B 169 -11.94 -5.79 -16.59
C ASP B 169 -13.40 -5.48 -16.21
N TRP B 170 -14.07 -6.37 -15.47
CA TRP B 170 -15.41 -6.04 -14.99
C TRP B 170 -15.39 -4.71 -14.23
N CYS B 171 -14.41 -4.53 -13.34
CA CYS B 171 -14.40 -3.33 -12.51
C CYS B 171 -14.06 -2.08 -13.35
N SER B 172 -13.65 -2.26 -14.61
CA SER B 172 -13.37 -1.13 -15.50
C SER B 172 -14.58 -0.71 -16.32
N ILE B 173 -15.57 -1.58 -16.49
CA ILE B 173 -16.77 -1.27 -17.27
C ILE B 173 -17.99 -1.08 -16.40
N TYR B 174 -17.90 -1.39 -15.11
CA TYR B 174 -19.03 -1.34 -14.20
C TYR B 174 -18.55 -0.67 -12.92
N LYS B 175 -19.38 0.22 -12.36
CA LYS B 175 -19.03 0.85 -11.09
C LYS B 175 -19.28 -0.15 -9.96
N SER B 176 -18.28 -1.02 -9.73
CA SER B 176 -18.45 -2.17 -8.85
C SER B 176 -18.43 -1.77 -7.37
N LYS B 177 -19.19 -2.49 -6.56
CA LYS B 177 -19.05 -2.32 -5.11
C LYS B 177 -18.00 -3.26 -4.54
N TYR B 178 -17.35 -4.03 -5.41
CA TYR B 178 -16.39 -5.05 -5.01
C TYR B 178 -15.08 -4.84 -5.77
N SER B 179 -14.16 -5.79 -5.71
CA SER B 179 -12.80 -5.64 -6.22
C SER B 179 -12.28 -7.03 -6.54
N PRO B 180 -11.23 -7.14 -7.38
CA PRO B 180 -10.57 -8.44 -7.48
C PRO B 180 -9.97 -8.92 -6.18
N LYS B 181 -9.81 -8.04 -5.20
CA LYS B 181 -9.24 -8.40 -3.91
C LYS B 181 -10.29 -8.50 -2.82
N ASP B 182 -11.54 -8.20 -3.15
CA ASP B 182 -12.60 -8.19 -2.15
C ASP B 182 -13.87 -8.63 -2.88
N TYR B 183 -14.09 -9.93 -2.93
CA TYR B 183 -15.22 -10.44 -3.70
C TYR B 183 -16.55 -10.13 -3.03
N GLY B 184 -16.56 -9.90 -1.71
CA GLY B 184 -17.81 -9.79 -0.96
C GLY B 184 -18.19 -11.10 -0.28
N GLN B 185 -19.49 -11.33 -0.11
CA GLN B 185 -19.98 -12.51 0.60
C GLN B 185 -20.17 -13.65 -0.37
N VAL B 186 -19.23 -14.60 -0.36
CA VAL B 186 -19.30 -15.74 -1.26
C VAL B 186 -18.45 -16.84 -0.65
N THR B 187 -18.94 -18.07 -0.69
CA THR B 187 -18.12 -19.19 -0.30
C THR B 187 -17.26 -19.60 -1.49
N VAL B 188 -15.96 -19.76 -1.25
CA VAL B 188 -15.05 -20.11 -2.34
C VAL B 188 -14.51 -21.50 -2.04
N LYS B 189 -14.73 -22.44 -2.98
CA LYS B 189 -14.30 -23.83 -2.83
C LYS B 189 -13.22 -24.11 -3.89
N GLN B 191 -10.68 -26.77 -5.60
CA GLN B 191 -10.45 -28.20 -5.70
C GLN B 191 -9.02 -28.56 -5.30
N TRP B 192 -8.07 -27.71 -5.66
CA TRP B 192 -6.65 -28.02 -5.49
C TRP B 192 -6.09 -27.50 -4.17
N GLU B 193 -6.96 -27.13 -3.23
CA GLU B 193 -6.53 -26.55 -1.97
C GLU B 193 -5.41 -27.34 -1.32
N LYS B 194 -5.56 -28.67 -1.26
CA LYS B 194 -4.63 -29.55 -0.57
C LYS B 194 -3.66 -30.24 -1.50
N TRP B 195 -3.66 -29.90 -2.77
CA TRP B 195 -2.73 -30.53 -3.70
C TRP B 195 -1.30 -29.94 -3.61
N ASN C 16 17.60 32.59 18.94
CA ASN C 16 16.96 31.63 19.82
C ASN C 16 16.19 30.55 19.05
N GLN C 17 16.47 30.41 17.76
CA GLN C 17 15.79 29.39 16.97
C GLN C 17 16.26 28.00 17.41
N PRO C 18 15.40 26.99 17.31
CA PRO C 18 15.84 25.63 17.62
C PRO C 18 16.99 25.22 16.70
N LYS C 19 17.98 24.55 17.29
CA LYS C 19 19.13 24.06 16.55
C LYS C 19 19.03 22.57 16.23
N ASN C 20 18.03 21.90 16.78
CA ASN C 20 17.83 20.49 16.47
C ASN C 20 16.37 20.16 16.77
N ILE C 21 15.98 18.94 16.42
CA ILE C 21 14.57 18.56 16.55
C ILE C 21 14.10 18.54 18.00
N PHE C 22 14.99 18.26 18.95
CA PHE C 22 14.59 18.23 20.36
C PHE C 22 14.36 19.64 20.90
N ASP C 23 15.24 20.59 20.55
CA ASP C 23 14.97 21.99 20.82
C ASP C 23 13.61 22.40 20.29
N GLU C 24 13.30 21.97 19.06
CA GLU C 24 12.05 22.33 18.42
C GLU C 24 10.86 21.82 19.22
N ILE C 25 10.88 20.54 19.58
CA ILE C 25 9.79 19.98 20.37
C ILE C 25 9.69 20.72 21.70
N TYR C 26 10.84 20.91 22.35
CA TYR C 26 10.86 21.59 23.64
C TYR C 26 10.21 22.97 23.54
N GLN C 27 10.65 23.77 22.58
CA GLN C 27 10.21 25.15 22.54
C GLN C 27 8.76 25.26 22.12
N GLU C 28 8.32 24.41 21.19
CA GLU C 28 6.92 24.50 20.78
C GLU C 28 5.98 23.95 21.85
N THR C 29 6.42 22.93 22.60
CA THR C 29 5.58 22.49 23.70
C THR C 29 5.54 23.55 24.80
N GLU C 30 6.67 24.20 25.09
CA GLU C 30 6.63 25.18 26.16
C GLU C 30 5.75 26.38 25.76
N LYS C 31 5.76 26.71 24.48
CA LYS C 31 5.00 27.83 23.95
C LYS C 31 3.50 27.55 23.99
N THR C 32 3.09 26.28 23.84
CA THR C 32 1.68 25.92 23.69
C THR C 32 1.06 25.22 24.89
N TYR C 33 1.84 24.70 25.85
CA TYR C 33 1.23 23.72 26.76
C TYR C 33 0.23 24.34 27.72
N ARG C 34 0.27 25.66 27.95
CA ARG C 34 -0.70 26.29 28.84
C ARG C 34 -1.94 26.76 28.12
N LEU C 35 -1.90 26.87 26.79
CA LEU C 35 -3.01 27.45 26.05
C LEU C 35 -3.77 26.39 25.26
N ASN C 36 -3.05 25.60 24.45
CA ASN C 36 -3.61 24.54 23.63
C ASN C 36 -2.45 23.69 23.14
N ASN C 37 -2.08 22.68 23.93
CA ASN C 37 -0.87 21.90 23.71
C ASN C 37 -0.79 21.39 22.27
N ILE C 38 0.36 21.61 21.62
CA ILE C 38 0.55 21.11 20.25
C ILE C 38 0.22 19.62 20.15
N PHE C 39 0.48 18.84 21.22
CA PHE C 39 0.18 17.41 21.13
C PHE C 39 -1.31 17.07 21.17
N ASN C 40 -2.18 18.05 21.45
CA ASN C 40 -3.60 17.82 21.21
C ASN C 40 -3.88 17.46 19.76
N LYS C 41 -2.98 17.77 18.82
CA LYS C 41 -3.22 17.42 17.43
C LYS C 41 -2.95 15.96 17.11
N LEU C 42 -2.24 15.26 17.97
CA LEU C 42 -1.78 13.91 17.72
C LEU C 42 -2.77 12.94 18.36
N THR C 43 -3.57 12.26 17.54
CA THR C 43 -4.66 11.46 18.11
C THR C 43 -4.13 10.20 18.77
N ASP C 44 -2.88 9.83 18.52
CA ASP C 44 -2.34 8.63 19.13
C ASP C 44 -1.93 8.81 20.57
N VAL C 45 -1.99 10.03 21.12
CA VAL C 45 -1.49 10.26 22.47
C VAL C 45 -2.55 10.91 23.36
N GLU C 46 -2.36 10.75 24.67
CA GLU C 46 -3.03 11.51 25.72
C GLU C 46 -2.07 12.56 26.24
N VAL C 47 -2.55 13.77 26.50
CA VAL C 47 -1.73 14.76 27.19
C VAL C 47 -2.02 14.66 28.68
N HIS C 48 -0.97 14.71 29.50
CA HIS C 48 -1.13 14.72 30.95
C HIS C 48 -0.40 15.94 31.51
N SER C 49 -0.73 16.27 32.76
CA SER C 49 -0.11 17.34 33.53
C SER C 49 0.22 16.80 34.90
N TYR C 50 1.49 16.89 35.31
CA TYR C 50 1.90 16.40 36.62
C TYR C 50 2.62 17.49 37.43
N GLN C 51 2.46 17.41 38.75
CA GLN C 51 2.96 18.44 39.63
C GLN C 51 4.49 18.53 39.56
N GLU C 52 4.99 19.75 39.35
CA GLU C 52 6.43 19.98 39.49
C GLU C 52 6.79 19.91 40.97
N TYR C 53 7.90 19.21 41.27
CA TYR C 53 8.33 19.09 42.65
C TYR C 53 8.79 20.44 43.21
N SER C 54 9.44 21.27 42.38
CA SER C 54 10.03 22.50 42.90
C SER C 54 8.99 23.59 43.13
N ASP C 55 8.08 23.79 42.18
CA ASP C 55 7.05 24.81 42.28
C ASP C 55 5.71 24.12 42.50
N ASP C 56 5.06 24.43 43.62
CA ASP C 56 3.75 23.87 43.92
C ASP C 56 2.67 24.41 43.00
N SER C 57 2.92 25.52 42.30
CA SER C 57 1.91 26.16 41.48
C SER C 57 2.00 25.80 39.99
N LYS C 58 2.95 24.95 39.60
CA LYS C 58 3.15 24.62 38.20
C LYS C 58 2.99 23.11 37.96
N PHE C 59 2.45 22.78 36.81
CA PHE C 59 2.40 21.39 36.35
C PHE C 59 3.19 21.30 35.05
N TYR C 60 3.96 20.18 34.90
CA TYR C 60 4.67 19.95 33.64
C TYR C 60 3.84 19.07 32.74
N PRO C 61 3.95 19.25 31.43
CA PRO C 61 3.23 18.37 30.50
C PRO C 61 3.94 17.04 30.29
N SER C 62 3.14 16.01 30.06
CA SER C 62 3.63 14.65 29.85
C SER C 62 2.74 14.02 28.78
N ILE C 63 3.34 13.37 27.79
CA ILE C 63 2.62 12.74 26.68
C ILE C 63 2.65 11.23 26.86
N LEU C 64 1.50 10.57 26.66
CA LEU C 64 1.43 9.13 26.84
C LEU C 64 0.75 8.51 25.63
N TYR C 65 1.40 7.53 25.00
CA TYR C 65 0.76 6.89 23.84
C TYR C 65 -0.39 6.00 24.30
N LYS C 66 -1.52 6.14 23.62
CA LYS C 66 -2.69 5.32 23.89
C LYS C 66 -2.48 3.89 23.42
N ASP C 67 -3.14 2.96 24.12
CA ASP C 67 -3.42 1.61 23.62
C ASP C 67 -2.16 0.81 23.32
N ILE C 68 -1.08 1.08 24.05
CA ILE C 68 0.20 0.37 23.82
C ILE C 68 0.18 -0.94 24.62
N ASN C 73 4.09 -6.40 22.90
CA ASN C 73 5.51 -6.37 23.21
C ASN C 73 5.87 -5.10 24.00
N TYR C 74 5.64 -3.94 23.36
CA TYR C 74 5.86 -2.67 24.02
C TYR C 74 4.75 -2.41 25.02
N THR C 75 5.10 -1.84 26.17
CA THR C 75 4.11 -1.60 27.20
C THR C 75 3.85 -0.13 27.47
N LYS C 76 4.75 0.77 27.08
CA LYS C 76 4.58 2.17 27.40
C LYS C 76 5.46 3.00 26.47
N ILE C 77 4.97 4.17 26.05
CA ILE C 77 5.79 5.12 25.30
C ILE C 77 5.38 6.50 25.76
N ALA C 78 6.34 7.30 26.25
CA ALA C 78 5.96 8.55 26.88
C ALA C 78 7.01 9.63 26.67
N ILE C 79 6.58 10.89 26.81
CA ILE C 79 7.48 12.03 26.70
C ILE C 79 7.22 12.91 27.90
N ASP C 80 8.27 13.20 28.67
CA ASP C 80 8.14 14.10 29.81
C ASP C 80 8.92 15.38 29.52
N PHE C 81 8.38 16.52 29.93
CA PHE C 81 9.04 17.81 29.76
C PHE C 81 9.42 18.41 31.11
N SER C 82 10.58 19.05 31.16
CA SER C 82 10.99 19.77 32.36
C SER C 82 11.42 21.18 31.96
N PHE C 83 10.62 22.18 32.33
CA PHE C 83 10.88 23.56 31.97
C PHE C 83 11.50 24.36 33.11
N LEU C 84 11.67 23.76 34.27
CA LEU C 84 12.21 24.48 35.41
C LEU C 84 13.71 24.68 35.26
N ASN C 85 14.20 25.82 35.74
CA ASN C 85 15.45 26.43 35.26
C ASN C 85 16.68 25.54 35.41
N LYS C 86 16.67 24.52 36.27
CA LYS C 86 17.91 23.81 36.59
C LYS C 86 18.37 22.95 35.42
N ASN C 87 17.60 21.93 35.06
CA ASN C 87 17.96 21.02 33.99
C ASN C 87 16.82 20.94 32.97
N ASN C 88 16.60 22.05 32.24
CA ASN C 88 15.66 22.08 31.11
C ASN C 88 15.90 20.88 30.20
N ASN C 89 14.86 20.06 30.00
CA ASN C 89 15.07 18.87 29.21
C ASN C 89 13.74 18.31 28.71
N ILE C 90 13.87 17.35 27.81
CA ILE C 90 12.78 16.49 27.37
C ILE C 90 13.26 15.08 27.60
N LEU C 91 12.37 14.20 28.03
CA LEU C 91 12.72 12.79 28.20
C LEU C 91 11.76 11.98 27.34
N ILE C 92 12.30 11.24 26.37
CA ILE C 92 11.50 10.29 25.59
C ILE C 92 11.85 8.90 26.07
N TYR C 93 10.86 8.15 26.53
CA TYR C 93 11.24 6.82 26.99
C TYR C 93 10.16 5.81 26.62
N PHE C 94 10.56 4.55 26.59
CA PHE C 94 9.61 3.49 26.29
C PHE C 94 10.03 2.24 27.02
N GLU C 95 9.07 1.32 27.18
CA GLU C 95 9.33 0.05 27.86
C GLU C 95 8.80 -1.09 27.04
N LYS C 96 9.49 -2.23 27.14
CA LYS C 96 9.12 -3.43 26.41
C LYS C 96 9.39 -4.64 27.28
N GLU C 97 8.43 -5.57 27.33
CA GLU C 97 8.67 -6.84 27.99
C GLU C 97 9.77 -7.61 27.29
N ILE C 98 10.74 -8.13 28.05
CA ILE C 98 11.78 -8.95 27.44
C ILE C 98 11.77 -10.38 27.96
N GLY C 99 11.02 -10.65 29.02
CA GLY C 99 10.85 -11.98 29.55
C GLY C 99 9.79 -11.93 30.63
N PRO C 100 9.42 -13.09 31.15
CA PRO C 100 8.37 -13.13 32.18
C PRO C 100 8.75 -12.24 33.36
N ASN C 101 7.91 -11.25 33.64
CA ASN C 101 8.08 -10.34 34.76
C ASN C 101 9.31 -9.44 34.63
N VAL C 102 9.80 -9.20 33.42
CA VAL C 102 11.00 -8.38 33.21
C VAL C 102 10.79 -7.47 32.00
N ARG C 103 10.96 -6.17 32.19
CA ARG C 103 10.91 -5.22 31.10
C ARG C 103 12.23 -4.46 30.98
N VAL C 104 12.52 -4.04 29.76
CA VAL C 104 13.57 -3.07 29.51
C VAL C 104 12.93 -1.69 29.35
N ARG C 105 13.59 -0.68 29.89
CA ARG C 105 13.17 0.70 29.74
C ARG C 105 14.29 1.43 29.03
N ILE C 106 14.01 1.99 27.86
CA ILE C 106 15.03 2.72 27.12
C ILE C 106 14.70 4.20 27.24
N TRP C 107 15.66 4.96 27.73
CA TRP C 107 15.45 6.28 28.31
C TRP C 107 16.32 7.27 27.56
N ASN C 108 15.70 8.29 26.96
CA ASN C 108 16.40 9.15 26.02
C ASN C 108 16.19 10.59 26.44
N LYS C 109 17.23 11.20 27.04
CA LYS C 109 17.09 12.47 27.73
C LYS C 109 17.85 13.54 26.97
N TYR C 110 17.14 14.57 26.52
CA TYR C 110 17.76 15.69 25.83
C TYR C 110 17.91 16.82 26.81
N THR C 111 19.15 17.24 27.07
CA THR C 111 19.40 18.31 28.02
C THR C 111 19.71 19.56 27.21
N ARG C 112 18.96 20.62 27.48
CA ARG C 112 19.06 21.87 26.71
C ARG C 112 20.42 22.54 26.91
N GLN C 113 20.97 22.51 28.12
CA GLN C 113 22.14 23.34 28.42
C GLN C 113 23.37 22.92 27.61
N ASP C 114 23.50 21.66 27.25
CA ASP C 114 24.63 21.21 26.43
C ASP C 114 24.20 20.60 25.09
N ARG C 115 22.96 20.82 24.64
CA ARG C 115 22.42 20.24 23.41
C ARG C 115 22.84 18.77 23.23
N THR C 116 22.58 17.96 24.27
CA THR C 116 23.00 16.56 24.27
C THR C 116 21.81 15.64 24.46
N LEU C 117 21.71 14.63 23.59
CA LEU C 117 20.78 13.52 23.74
C LEU C 117 21.52 12.34 24.35
N THR C 118 21.10 11.91 25.53
CA THR C 118 21.74 10.78 26.21
C THR C 118 20.78 9.60 26.25
N LYS C 119 21.18 8.48 25.66
CA LYS C 119 20.34 7.28 25.61
C LYS C 119 20.84 6.30 26.65
N SER C 120 19.93 5.80 27.49
CA SER C 120 20.37 4.88 28.53
C SER C 120 19.33 3.77 28.68
N VAL C 121 19.67 2.72 29.45
CA VAL C 121 18.79 1.57 29.53
C VAL C 121 18.70 1.09 30.98
N LYS C 122 17.48 0.74 31.39
CA LYS C 122 17.18 0.30 32.74
C LYS C 122 16.33 -0.94 32.62
N ILE C 123 16.11 -1.59 33.76
CA ILE C 123 15.35 -2.82 33.83
C ILE C 123 14.25 -2.62 34.86
N ALA C 124 13.07 -3.19 34.61
CA ALA C 124 12.01 -3.25 35.61
C ALA C 124 11.63 -4.70 35.87
N LEU C 125 11.65 -5.07 37.16
CA LEU C 125 11.19 -6.38 37.61
C LEU C 125 9.76 -6.25 38.13
N GLU C 126 8.89 -7.13 37.67
CA GLU C 126 7.49 -7.12 38.07
C GLU C 126 7.26 -8.12 39.18
N LYS C 127 6.89 -7.63 40.36
CA LYS C 127 6.50 -8.48 41.48
C LYS C 127 5.03 -8.14 41.77
N GLY C 128 4.14 -8.75 40.99
CA GLY C 128 2.71 -8.47 41.08
C GLY C 128 2.31 -7.09 40.59
N ASP C 129 1.83 -6.26 41.52
CA ASP C 129 1.44 -4.90 41.17
C ASP C 129 2.67 -4.01 41.02
N SER C 130 3.53 -3.98 42.04
CA SER C 130 4.66 -3.07 42.05
C SER C 130 5.74 -3.51 41.06
N ASP C 131 6.62 -2.55 40.73
CA ASP C 131 7.81 -2.80 39.93
C ASP C 131 9.02 -2.38 40.74
N LYS C 132 10.11 -3.12 40.60
CA LYS C 132 11.39 -2.71 41.14
C LYS C 132 12.31 -2.37 39.97
N TYR C 133 12.88 -1.17 39.99
CA TYR C 133 13.69 -0.68 38.89
C TYR C 133 15.17 -0.92 39.18
N ILE C 134 15.90 -1.35 38.15
CA ILE C 134 17.32 -1.67 38.22
C ILE C 134 18.05 -0.81 37.21
N GLU C 135 19.00 -0.02 37.68
CA GLU C 135 19.72 0.92 36.82
C GLU C 135 21.22 0.71 36.78
N ASP C 136 21.79 -0.01 37.74
CA ASP C 136 23.22 -0.24 37.73
C ASP C 136 23.65 -0.96 36.46
N GLU C 137 24.68 -0.42 35.81
CA GLU C 137 25.03 -0.90 34.46
C GLU C 137 25.36 -2.40 34.44
N THR C 138 26.17 -2.89 35.40
CA THR C 138 26.49 -4.32 35.44
C THR C 138 25.23 -5.17 35.57
N GLN C 139 24.29 -4.78 36.46
CA GLN C 139 23.05 -5.55 36.56
C GLN C 139 22.24 -5.49 35.27
N VAL C 140 22.11 -4.31 34.67
CA VAL C 140 21.28 -4.16 33.48
C VAL C 140 21.83 -5.04 32.36
N ARG C 141 23.15 -5.02 32.18
CA ARG C 141 23.76 -5.85 31.13
C ARG C 141 23.55 -7.32 31.37
N ALA C 142 23.51 -7.75 32.64
CA ALA C 142 23.26 -9.15 32.94
C ALA C 142 21.84 -9.56 32.56
N TYR C 143 20.84 -8.69 32.80
CA TYR C 143 19.48 -9.00 32.35
C TYR C 143 19.40 -9.04 30.84
N LEU C 144 20.04 -8.08 30.17
CA LEU C 144 19.98 -8.06 28.71
C LEU C 144 20.63 -9.32 28.14
N LYS C 145 21.76 -9.72 28.70
CA LYS C 145 22.42 -10.93 28.21
C LYS C 145 21.54 -12.15 28.43
N LYS C 146 20.93 -12.24 29.62
CA LYS C 146 20.06 -13.37 29.89
C LYS C 146 18.94 -13.49 28.85
N TYR C 147 18.30 -12.39 28.47
CA TYR C 147 17.19 -12.48 27.55
C TYR C 147 17.60 -12.20 26.12
N GLY C 148 18.89 -12.25 25.82
CA GLY C 148 19.37 -12.19 24.45
C GLY C 148 19.18 -10.86 23.76
N ILE C 149 19.32 -9.76 24.49
CA ILE C 149 19.18 -8.44 23.91
C ILE C 149 20.56 -7.85 23.69
N THR C 150 20.90 -7.61 22.45
CA THR C 150 22.21 -7.08 22.06
C THR C 150 22.15 -5.57 21.89
N ALA C 151 23.33 -4.96 21.81
CA ALA C 151 23.38 -3.54 21.48
C ALA C 151 22.68 -3.26 20.17
N LYS C 152 22.86 -4.14 19.16
CA LYS C 152 22.15 -3.95 17.90
C LYS C 152 20.63 -3.99 18.12
N ASP C 153 20.16 -4.86 19.02
CA ASP C 153 18.73 -4.89 19.31
C ASP C 153 18.25 -3.58 19.92
N LEU C 154 19.04 -3.00 20.85
CA LEU C 154 18.66 -1.73 21.45
C LEU C 154 18.56 -0.63 20.39
N ASP C 155 19.51 -0.60 19.47
CA ASP C 155 19.42 0.34 18.36
C ASP C 155 18.14 0.14 17.57
N ALA C 156 17.77 -1.12 17.31
CA ALA C 156 16.59 -1.38 16.50
C ALA C 156 15.31 -0.96 17.23
N HIS C 157 15.23 -1.22 18.54
CA HIS C 157 14.08 -0.70 19.32
C HIS C 157 14.05 0.82 19.31
N TYR C 158 15.18 1.47 19.54
CA TYR C 158 15.21 2.92 19.48
C TYR C 158 14.72 3.44 18.12
N GLU C 159 15.18 2.84 17.03
CA GLU C 159 14.81 3.28 15.70
C GLU C 159 13.31 3.15 15.48
N LYS C 160 12.74 2.02 15.94
CA LYS C 160 11.33 1.73 15.72
C LYS C 160 10.44 2.65 16.54
N ILE C 161 10.81 2.94 17.79
CA ILE C 161 9.90 3.71 18.65
C ILE C 161 10.21 5.19 18.59
N VAL C 162 11.48 5.57 18.75
CA VAL C 162 11.78 7.00 18.85
C VAL C 162 11.77 7.64 17.49
N ASN C 163 12.44 7.04 16.50
CA ASN C 163 12.50 7.69 15.20
C ASN C 163 11.22 7.47 14.42
N GLN C 164 10.84 6.21 14.22
CA GLN C 164 9.77 5.91 13.27
C GLN C 164 8.39 6.19 13.83
N LYS C 165 8.25 6.27 15.16
CA LYS C 165 6.98 6.59 15.78
C LYS C 165 6.97 7.98 16.41
N VAL C 166 7.73 8.20 17.49
CA VAL C 166 7.60 9.45 18.23
C VAL C 166 7.99 10.65 17.37
N LEU C 167 9.22 10.64 16.80
CA LEU C 167 9.67 11.83 16.09
C LEU C 167 8.97 11.98 14.74
N LYS C 168 8.63 10.88 14.07
CA LYS C 168 7.81 11.01 12.87
C LYS C 168 6.45 11.62 13.22
N ASP C 169 5.85 11.19 14.32
CA ASP C 169 4.59 11.81 14.76
C ASP C 169 4.77 13.32 14.97
N TRP C 170 5.85 13.75 15.62
CA TRP C 170 6.13 15.17 15.76
C TRP C 170 6.17 15.88 14.41
N CYS C 171 6.94 15.33 13.46
CA CYS C 171 7.08 15.99 12.16
C CYS C 171 5.81 15.92 11.34
N SER C 172 4.84 15.07 11.74
CA SER C 172 3.55 14.97 11.05
C SER C 172 2.51 15.96 11.58
N ILE C 173 2.74 16.52 12.77
CA ILE C 173 1.82 17.53 13.33
C ILE C 173 2.42 18.90 13.35
N TYR C 174 3.72 19.02 13.15
CA TYR C 174 4.44 20.28 13.19
C TYR C 174 5.34 20.34 11.96
N LYS C 175 5.37 21.51 11.33
CA LYS C 175 6.19 21.69 10.14
C LYS C 175 7.62 21.88 10.59
N SER C 176 8.35 20.79 10.72
CA SER C 176 9.67 20.78 11.36
C SER C 176 10.76 21.28 10.42
N LYS C 177 11.76 21.95 10.98
CA LYS C 177 12.98 22.20 10.22
C LYS C 177 13.94 21.00 10.24
N TYR C 178 13.59 19.93 10.93
CA TYR C 178 14.47 18.76 11.08
C TYR C 178 13.67 17.53 10.67
N SER C 179 14.12 16.36 11.08
CA SER C 179 13.40 15.14 10.74
C SER C 179 13.94 14.00 11.59
N PRO C 180 13.22 12.87 11.66
CA PRO C 180 13.77 11.72 12.40
C PRO C 180 15.04 11.19 11.77
N LYS C 181 15.27 11.51 10.51
CA LYS C 181 16.45 11.08 9.81
C LYS C 181 17.55 12.13 9.82
N ASP C 182 17.31 13.31 10.42
CA ASP C 182 18.36 14.34 10.53
C ASP C 182 17.99 15.26 11.68
N TYR C 183 18.56 14.95 12.83
CA TYR C 183 18.18 15.63 14.06
C TYR C 183 18.58 17.09 14.06
N GLY C 184 19.63 17.46 13.32
CA GLY C 184 20.19 18.79 13.43
C GLY C 184 21.43 18.78 14.31
N GLN C 185 21.71 19.92 14.94
CA GLN C 185 22.92 20.11 15.73
C GLN C 185 22.71 19.57 17.15
N VAL C 186 23.12 18.34 17.38
CA VAL C 186 22.92 17.71 18.67
C VAL C 186 24.01 16.67 18.88
N THR C 187 24.59 16.66 20.08
CA THR C 187 25.52 15.60 20.47
C THR C 187 24.74 14.40 21.00
N VAL C 188 25.00 13.21 20.45
CA VAL C 188 24.25 12.00 20.82
C VAL C 188 25.20 11.07 21.56
N LYS C 189 24.86 10.74 22.81
CA LYS C 189 25.64 9.83 23.64
C LYS C 189 24.79 8.60 23.95
N GLN C 191 24.55 4.86 25.93
CA GLN C 191 25.16 4.03 26.98
C GLN C 191 25.74 2.73 26.41
N TRP C 192 25.10 2.16 25.39
CA TRP C 192 25.43 0.85 24.88
C TRP C 192 26.36 0.91 23.68
N GLU C 193 27.04 2.04 23.49
CA GLU C 193 27.82 2.22 22.27
C GLU C 193 28.89 1.14 22.14
N LYS C 194 29.48 0.72 23.25
CA LYS C 194 30.55 -0.26 23.18
C LYS C 194 30.11 -1.64 23.66
N TRP C 195 28.80 -1.86 23.79
CA TRP C 195 28.27 -3.19 24.15
C TRP C 195 28.04 -4.05 22.93
#